data_3P7Y
#
_entry.id   3P7Y
#
_cell.length_a   57.533
_cell.length_b   70.349
_cell.length_c   88.948
_cell.angle_alpha   90.000
_cell.angle_beta   90.000
_cell.angle_gamma   90.000
#
_symmetry.space_group_name_H-M   'P 21 21 21'
#
loop_
_entity.id
_entity.type
_entity.pdbx_description
1 polymer 'Pentaerythritol tetranitrate reductase'
2 non-polymer 'FLAVIN MONONUCLEOTIDE'
3 non-polymer 2-[(E)-2-nitroethenyl]phenol
4 water water
#
_entity_poly.entity_id   1
_entity_poly.type   'polypeptide(L)'
_entity_poly.pdbx_seq_one_letter_code
;MSAEKLFTPLKVGAVTAPNRVFMAPLTRLRSIEPGDIPTPLMGEYYRQRASAGLIISEATQISAQAKGYAGAPGLHSPEQ
IAAWKKITAGVHAEDGRIAVQLWHTGRISHSSIQPGGQAPVSASALNANTRTSLRDENGNAIRVDTTTPRALELDEIPGI
VNDFRQAVANAREAGFDLVELHSAHGYLLHQFLSPSSNQRTDQYGGSVENRARLVLEVVDAVCNEWSADRIGIRVSPIGT
FQNVDNGPNEEADALYLIEELAKRGIAYLHMSETDLAGGKPYSEAFRQKVRERFHGVIIGAGAYTAEKAEDLIGKGLIDA
VAFGRDYIANPDLVARLQKKAELNPQRPESFYGGGAEGYTDYPSL
;
_entity_poly.pdbx_strand_id   A
#
loop_
_chem_comp.id
_chem_comp.type
_chem_comp.name
_chem_comp.formula
FMN non-polymer 'FLAVIN MONONUCLEOTIDE' 'C17 H21 N4 O9 P'
P7Y non-polymer 2-[(E)-2-nitroethenyl]phenol 'C8 H7 N O3'
#
# COMPACT_ATOMS: atom_id res chain seq x y z
N ALA A 3 8.00 -16.52 -24.67
CA ALA A 3 7.31 -15.25 -25.08
C ALA A 3 7.10 -14.33 -23.88
N GLU A 4 7.12 -13.02 -24.12
CA GLU A 4 6.90 -12.03 -23.06
C GLU A 4 5.41 -11.82 -22.81
N LYS A 5 5.05 -11.80 -21.55
CA LYS A 5 3.67 -11.56 -21.12
C LYS A 5 3.49 -10.24 -20.38
N LEU A 6 4.58 -9.56 -20.03
CA LEU A 6 4.48 -8.29 -19.27
C LEU A 6 3.70 -7.22 -19.98
N PHE A 7 3.63 -7.29 -21.31
CA PHE A 7 2.99 -6.24 -22.10
C PHE A 7 1.67 -6.69 -22.68
N THR A 8 1.02 -7.61 -21.96
CA THR A 8 -0.32 -8.08 -22.33
C THR A 8 -1.31 -7.61 -21.29
N PRO A 9 -2.58 -7.41 -21.69
CA PRO A 9 -3.57 -6.91 -20.75
C PRO A 9 -3.96 -7.87 -19.64
N LEU A 10 -4.57 -7.31 -18.61
CA LEU A 10 -4.98 -8.04 -17.41
C LEU A 10 -6.23 -7.38 -16.85
N LYS A 11 -7.27 -8.16 -16.58
CA LYS A 11 -8.45 -7.65 -15.90
CA LYS A 11 -8.46 -7.68 -15.90
C LYS A 11 -8.16 -7.61 -14.41
N VAL A 12 -8.28 -6.43 -13.81
CA VAL A 12 -8.04 -6.23 -12.38
C VAL A 12 -9.37 -5.73 -11.78
N GLY A 13 -10.21 -6.67 -11.34
CA GLY A 13 -11.55 -6.33 -10.89
C GLY A 13 -12.28 -5.56 -11.98
N ALA A 14 -12.75 -4.37 -11.63
CA ALA A 14 -13.54 -3.53 -12.52
C ALA A 14 -12.76 -2.84 -13.63
N VAL A 15 -11.44 -2.86 -13.60
CA VAL A 15 -10.72 -2.20 -14.69
C VAL A 15 -9.82 -3.16 -15.43
N THR A 16 -9.44 -2.76 -16.62
CA THR A 16 -8.56 -3.55 -17.45
C THR A 16 -7.24 -2.80 -17.63
N ALA A 17 -6.18 -3.40 -17.13
CA ALA A 17 -4.83 -2.87 -17.30
C ALA A 17 -4.29 -3.32 -18.65
N PRO A 18 -3.66 -2.41 -19.43
CA PRO A 18 -3.11 -2.79 -20.74
C PRO A 18 -1.78 -3.55 -20.67
N ASN A 19 -1.15 -3.62 -19.51
CA ASN A 19 0.12 -4.31 -19.31
C ASN A 19 0.18 -4.70 -17.84
N ARG A 20 1.19 -5.49 -17.48
CA ARG A 20 1.38 -6.10 -16.15
CA ARG A 20 1.31 -6.01 -16.12
C ARG A 20 2.43 -5.37 -15.32
N VAL A 21 2.87 -4.19 -15.77
CA VAL A 21 3.94 -3.42 -15.12
C VAL A 21 3.28 -2.32 -14.30
N PHE A 22 3.19 -2.55 -13.00
CA PHE A 22 2.46 -1.66 -12.10
C PHE A 22 3.43 -0.78 -11.31
N MET A 23 2.96 0.40 -10.95
CA MET A 23 3.70 1.30 -10.08
C MET A 23 3.31 1.04 -8.63
N ALA A 24 4.27 0.57 -7.84
CA ALA A 24 4.05 0.28 -6.44
C ALA A 24 3.72 1.55 -5.67
N PRO A 25 3.03 1.43 -4.52
CA PRO A 25 2.77 2.59 -3.67
C PRO A 25 4.08 3.13 -3.10
N LEU A 26 4.27 4.44 -3.20
CA LEU A 26 5.55 5.09 -2.84
C LEU A 26 5.29 6.38 -2.10
N THR A 27 5.49 6.36 -0.80
CA THR A 27 5.47 7.53 0.05
C THR A 27 6.59 8.48 -0.34
N ARG A 28 6.23 9.72 -0.65
CA ARG A 28 7.18 10.72 -1.11
C ARG A 28 7.18 12.01 -0.26
N LEU A 29 6.17 12.16 0.60
CA LEU A 29 6.14 13.17 1.66
C LEU A 29 6.27 14.61 1.18
N ARG A 30 5.49 14.94 0.14
CA ARG A 30 5.52 16.25 -0.49
C ARG A 30 4.18 16.98 -0.41
N SER A 31 3.28 16.53 0.47
CA SER A 31 1.97 17.18 0.63
C SER A 31 2.06 18.47 1.43
N ILE A 32 1.05 19.33 1.28
CA ILE A 32 0.98 20.57 2.03
C ILE A 32 0.52 20.35 3.46
N GLU A 33 1.22 21.01 4.38
CA GLU A 33 0.75 21.19 5.77
C GLU A 33 0.63 22.69 6.03
N PRO A 34 -0.41 23.12 6.74
CA PRO A 34 -1.46 22.30 7.34
C PRO A 34 -2.42 21.71 6.31
N GLY A 35 -3.04 20.59 6.68
CA GLY A 35 -4.13 20.02 5.90
C GLY A 35 -3.82 18.72 5.18
N ASP A 36 -2.54 18.35 5.10
CA ASP A 36 -2.11 17.09 4.46
C ASP A 36 -2.70 16.99 3.05
N ILE A 37 -2.50 18.05 2.28
CA ILE A 37 -3.20 18.24 1.01
C ILE A 37 -2.32 17.86 -0.17
N PRO A 38 -2.79 16.96 -1.06
CA PRO A 38 -2.08 16.70 -2.29
C PRO A 38 -1.94 17.97 -3.14
N THR A 39 -0.98 17.95 -4.04
CA THR A 39 -0.62 19.14 -4.83
C THR A 39 -0.62 18.90 -6.34
N PRO A 40 -0.69 19.99 -7.11
CA PRO A 40 -0.49 19.86 -8.56
C PRO A 40 0.86 19.24 -8.95
N LEU A 41 1.92 19.46 -8.16
CA LEU A 41 3.20 18.81 -8.42
C LEU A 41 3.05 17.28 -8.34
N MET A 42 2.38 16.82 -7.30
CA MET A 42 2.08 15.40 -7.19
C MET A 42 1.26 14.93 -8.39
N GLY A 43 0.28 15.74 -8.81
CA GLY A 43 -0.49 15.42 -10.01
C GLY A 43 0.39 15.21 -11.24
N GLU A 44 1.39 16.08 -11.43
CA GLU A 44 2.30 15.98 -12.57
CA GLU A 44 2.29 15.97 -12.57
C GLU A 44 3.12 14.69 -12.51
N TYR A 45 3.65 14.37 -11.32
CA TYR A 45 4.38 13.13 -11.09
C TYR A 45 3.56 11.90 -11.48
N TYR A 46 2.31 11.84 -11.02
CA TYR A 46 1.47 10.69 -11.39
C TYR A 46 1.15 10.68 -12.89
N ARG A 47 0.85 11.84 -13.46
CA ARG A 47 0.56 11.91 -14.89
C ARG A 47 1.73 11.42 -15.75
N GLN A 48 2.95 11.73 -15.34
CA GLN A 48 4.14 11.27 -16.04
C GLN A 48 4.22 9.75 -16.12
N ARG A 49 3.60 9.06 -15.15
CA ARG A 49 3.69 7.62 -14.99
C ARG A 49 2.42 6.90 -15.44
N ALA A 50 1.55 7.59 -16.20
CA ALA A 50 0.23 7.09 -16.55
C ALA A 50 0.25 5.91 -17.52
N SER A 51 1.39 5.61 -18.16
CA SER A 51 1.49 4.41 -18.99
C SER A 51 1.59 3.10 -18.17
N ALA A 52 1.79 3.18 -16.87
CA ALA A 52 1.77 2.00 -16.01
C ALA A 52 0.47 1.23 -16.22
N GLY A 53 0.54 -0.09 -16.18
CA GLY A 53 -0.69 -0.87 -16.22
C GLY A 53 -1.67 -0.44 -15.15
N LEU A 54 -1.16 -0.14 -13.96
CA LEU A 54 -1.92 0.44 -12.86
C LEU A 54 -0.94 1.25 -12.02
N ILE A 55 -1.30 2.47 -11.66
CA ILE A 55 -0.59 3.24 -10.65
C ILE A 55 -1.26 2.94 -9.31
N ILE A 56 -0.46 2.60 -8.29
CA ILE A 56 -0.95 2.52 -6.92
C ILE A 56 -0.34 3.72 -6.20
N SER A 57 -1.17 4.59 -5.63
CA SER A 57 -0.67 5.83 -5.02
C SER A 57 0.17 5.57 -3.78
N GLU A 58 0.90 6.61 -3.39
CA GLU A 58 1.45 6.72 -2.05
C GLU A 58 0.40 6.42 -1.00
N ALA A 59 0.84 5.88 0.14
CA ALA A 59 -0.08 5.63 1.25
C ALA A 59 -0.73 6.94 1.66
N THR A 60 -2.05 6.87 1.89
CA THR A 60 -2.89 8.04 2.10
C THR A 60 -3.76 7.80 3.34
N GLN A 61 -3.78 8.77 4.26
CA GLN A 61 -4.53 8.65 5.51
C GLN A 61 -6.04 8.53 5.32
N ILE A 62 -6.63 7.60 6.06
CA ILE A 62 -8.08 7.48 6.14
C ILE A 62 -8.73 8.51 7.06
N SER A 63 -7.93 9.14 7.93
CA SER A 63 -8.38 10.05 8.99
C SER A 63 -7.17 10.83 9.46
N ALA A 64 -7.39 11.89 10.23
CA ALA A 64 -6.25 12.60 10.83
C ALA A 64 -5.49 11.70 11.83
N GLN A 65 -6.23 10.89 12.58
CA GLN A 65 -5.59 9.98 13.53
C GLN A 65 -4.65 9.01 12.82
N ALA A 66 -5.00 8.63 11.59
CA ALA A 66 -4.18 7.72 10.80
C ALA A 66 -2.77 8.24 10.50
N LYS A 67 -2.55 9.55 10.60
CA LYS A 67 -1.28 10.15 10.18
C LYS A 67 -0.12 9.69 11.06
N GLY A 68 0.96 9.29 10.41
CA GLY A 68 2.23 8.99 11.08
C GLY A 68 3.44 9.68 10.48
N TYR A 69 3.30 10.31 9.32
CA TYR A 69 4.41 10.92 8.59
C TYR A 69 4.03 12.34 8.17
N ALA A 70 4.88 13.31 8.48
CA ALA A 70 4.68 14.67 7.98
C ALA A 70 4.89 14.68 6.47
N GLY A 71 3.92 15.25 5.76
CA GLY A 71 3.97 15.30 4.30
C GLY A 71 3.20 14.22 3.58
N ALA A 72 2.67 13.22 4.31
CA ALA A 72 1.82 12.19 3.70
C ALA A 72 0.41 12.76 3.53
N PRO A 73 -0.24 12.49 2.38
CA PRO A 73 -1.57 13.06 2.15
C PRO A 73 -2.68 12.30 2.85
N GLY A 74 -3.80 12.97 3.04
CA GLY A 74 -5.04 12.37 3.51
C GLY A 74 -6.11 12.27 2.43
N LEU A 75 -7.16 11.52 2.77
CA LEU A 75 -8.37 11.43 1.97
C LEU A 75 -9.59 11.44 2.88
N HIS A 76 -9.55 12.30 3.90
CA HIS A 76 -10.63 12.48 4.86
C HIS A 76 -11.30 13.85 4.84
N SER A 77 -10.65 14.88 4.32
CA SER A 77 -11.19 16.24 4.35
C SER A 77 -11.71 16.69 2.99
N PRO A 78 -12.60 17.69 2.98
CA PRO A 78 -13.06 18.23 1.69
C PRO A 78 -11.93 18.75 0.80
N GLU A 79 -10.94 19.39 1.38
CA GLU A 79 -9.84 19.98 0.63
CA GLU A 79 -9.87 19.98 0.57
C GLU A 79 -8.99 18.88 -0.01
N GLN A 80 -8.80 17.79 0.72
CA GLN A 80 -8.06 16.64 0.20
C GLN A 80 -8.83 15.98 -0.94
N ILE A 81 -10.14 15.80 -0.77
CA ILE A 81 -10.95 15.22 -1.83
C ILE A 81 -10.84 16.09 -3.11
N ALA A 82 -10.94 17.40 -2.96
CA ALA A 82 -10.89 18.31 -4.11
C ALA A 82 -9.53 18.22 -4.82
N ALA A 83 -8.44 18.15 -4.05
CA ALA A 83 -7.11 18.06 -4.64
C ALA A 83 -6.90 16.73 -5.36
N TRP A 84 -7.33 15.63 -4.74
CA TRP A 84 -7.20 14.33 -5.39
C TRP A 84 -8.04 14.23 -6.67
N LYS A 85 -9.22 14.86 -6.71
CA LYS A 85 -10.04 14.88 -7.93
C LYS A 85 -9.28 15.44 -9.11
N LYS A 86 -8.50 16.49 -8.90
CA LYS A 86 -7.70 17.05 -10.00
C LYS A 86 -6.61 16.06 -10.44
N ILE A 87 -5.99 15.38 -9.47
CA ILE A 87 -4.93 14.42 -9.75
C ILE A 87 -5.44 13.23 -10.54
N THR A 88 -6.57 12.66 -10.12
CA THR A 88 -7.10 11.52 -10.85
C THR A 88 -7.58 11.94 -12.25
N ALA A 89 -8.18 13.12 -12.38
CA ALA A 89 -8.58 13.64 -13.69
C ALA A 89 -7.39 13.73 -14.62
N GLY A 90 -6.24 14.18 -14.11
CA GLY A 90 -5.04 14.29 -14.93
C GLY A 90 -4.53 12.94 -15.40
N VAL A 91 -4.53 11.95 -14.50
CA VAL A 91 -4.12 10.59 -14.87
C VAL A 91 -5.07 10.04 -15.94
N HIS A 92 -6.38 10.24 -15.75
CA HIS A 92 -7.34 9.74 -16.72
C HIS A 92 -7.26 10.44 -18.08
N ALA A 93 -6.90 11.72 -18.08
CA ALA A 93 -6.68 12.46 -19.33
C ALA A 93 -5.53 11.86 -20.14
N GLU A 94 -4.61 11.17 -19.46
CA GLU A 94 -3.46 10.50 -20.07
CA GLU A 94 -3.48 10.48 -20.11
C GLU A 94 -3.72 8.99 -20.25
N ASP A 95 -4.98 8.58 -20.13
CA ASP A 95 -5.40 7.19 -20.31
C ASP A 95 -4.79 6.20 -19.31
N GLY A 96 -4.53 6.68 -18.10
CA GLY A 96 -4.04 5.84 -17.00
C GLY A 96 -5.13 5.34 -16.10
N ARG A 97 -4.73 4.48 -15.17
CA ARG A 97 -5.60 3.95 -14.11
C ARG A 97 -4.86 4.12 -12.79
N ILE A 98 -5.57 4.54 -11.75
CA ILE A 98 -4.93 4.83 -10.46
C ILE A 98 -5.77 4.33 -9.30
N ALA A 99 -5.10 3.56 -8.43
CA ALA A 99 -5.64 3.09 -7.15
C ALA A 99 -5.08 3.97 -6.05
N VAL A 100 -5.88 4.25 -5.02
CA VAL A 100 -5.36 4.91 -3.84
C VAL A 100 -5.04 3.85 -2.78
N GLN A 101 -3.82 3.89 -2.25
CA GLN A 101 -3.47 3.05 -1.11
C GLN A 101 -3.89 3.79 0.16
N LEU A 102 -4.75 3.15 0.96
CA LEU A 102 -5.28 3.72 2.19
C LEU A 102 -4.63 3.06 3.39
N TRP A 103 -4.14 3.87 4.32
CA TRP A 103 -3.53 3.36 5.56
C TRP A 103 -4.03 4.09 6.80
N HIS A 104 -3.79 3.38 7.90
CA HIS A 104 -3.69 3.95 9.22
C HIS A 104 -2.32 3.52 9.71
N THR A 105 -1.48 4.45 10.14
CA THR A 105 -0.11 4.10 10.52
C THR A 105 -0.01 3.45 11.89
N GLY A 106 -1.06 3.56 12.70
CA GLY A 106 -1.01 3.03 14.06
C GLY A 106 0.22 3.51 14.80
N ARG A 107 0.95 2.58 15.41
CA ARG A 107 2.10 2.95 16.26
C ARG A 107 3.33 3.47 15.51
N ILE A 108 3.36 3.41 14.18
CA ILE A 108 4.48 4.02 13.44
C ILE A 108 4.09 5.48 13.19
N SER A 109 4.26 6.28 14.23
CA SER A 109 3.73 7.64 14.29
C SER A 109 4.41 8.35 15.47
N HIS A 110 4.04 9.60 15.66
CA HIS A 110 4.60 10.46 16.70
C HIS A 110 3.49 11.34 17.24
N SER A 111 3.47 11.54 18.55
CA SER A 111 2.42 12.33 19.18
C SER A 111 2.31 13.76 18.63
N SER A 112 3.43 14.34 18.19
CA SER A 112 3.44 15.73 17.74
C SER A 112 2.62 15.97 16.48
N ILE A 113 2.29 14.90 15.76
CA ILE A 113 1.46 15.04 14.56
C ILE A 113 0.10 14.36 14.68
N GLN A 114 -0.25 13.88 15.88
CA GLN A 114 -1.55 13.32 16.16
C GLN A 114 -2.53 14.41 16.58
N PRO A 115 -3.84 14.16 16.41
CA PRO A 115 -4.85 15.10 16.94
C PRO A 115 -4.64 15.31 18.44
N GLY A 116 -4.61 16.57 18.86
CA GLY A 116 -4.43 16.92 20.26
C GLY A 116 -3.07 16.63 20.83
N GLY A 117 -2.10 16.27 19.98
CA GLY A 117 -0.78 15.92 20.45
C GLY A 117 -0.70 14.64 21.26
N GLN A 118 -1.68 13.75 21.10
CA GLN A 118 -1.76 12.55 21.92
C GLN A 118 -0.99 11.36 21.32
N ALA A 119 -0.76 10.35 22.15
CA ALA A 119 -0.11 9.13 21.71
C ALA A 119 -0.91 8.50 20.57
N PRO A 120 -0.20 7.93 19.58
CA PRO A 120 -0.91 7.22 18.51
C PRO A 120 -1.50 5.93 19.05
N VAL A 121 -2.35 5.29 18.26
CA VAL A 121 -3.07 4.09 18.69
C VAL A 121 -2.53 2.84 18.01
N SER A 122 -2.76 1.70 18.65
CA SER A 122 -2.39 0.42 18.09
C SER A 122 -3.22 -0.70 18.73
N ALA A 123 -2.89 -1.94 18.37
CA ALA A 123 -3.50 -3.10 19.01
C ALA A 123 -3.14 -3.17 20.51
N SER A 124 -1.88 -2.90 20.80
CA SER A 124 -1.34 -2.98 22.15
C SER A 124 -0.40 -1.80 22.40
N ALA A 125 -0.10 -1.57 23.68
CA ALA A 125 0.71 -0.44 24.10
C ALA A 125 2.20 -0.82 24.08
N LEU A 126 2.72 -1.03 22.88
CA LEU A 126 4.08 -1.48 22.66
C LEU A 126 4.70 -0.53 21.65
N ASN A 127 5.83 0.07 21.98
CA ASN A 127 6.53 0.94 21.04
C ASN A 127 6.99 0.15 19.81
N ALA A 128 6.88 0.77 18.64
CA ALA A 128 7.35 0.19 17.39
C ALA A 128 8.86 -0.01 17.32
N ASN A 129 9.59 0.74 18.15
CA ASN A 129 11.05 0.73 18.18
C ASN A 129 11.68 1.00 16.84
N THR A 130 11.08 1.94 16.12
CA THR A 130 11.63 2.38 14.86
C THR A 130 11.48 3.90 14.78
N ARG A 131 11.65 4.44 13.58
CA ARG A 131 11.49 5.87 13.32
C ARG A 131 10.41 6.11 12.29
N THR A 132 9.87 7.33 12.35
CA THR A 132 9.00 7.86 11.33
C THR A 132 9.62 9.15 10.79
N SER A 133 8.96 9.76 9.81
CA SER A 133 9.46 10.99 9.20
CA SER A 133 9.46 10.99 9.21
C SER A 133 8.58 12.16 9.58
N LEU A 134 9.17 13.15 10.24
CA LEU A 134 8.54 14.40 10.59
C LEU A 134 9.13 15.48 9.67
N ARG A 135 8.76 16.73 9.92
CA ARG A 135 9.37 17.87 9.23
C ARG A 135 9.97 18.80 10.27
N ASP A 136 11.14 19.33 9.96
CA ASP A 136 11.78 20.33 10.83
C ASP A 136 11.17 21.72 10.59
N GLU A 137 11.72 22.74 11.25
CA GLU A 137 11.15 24.11 11.17
C GLU A 137 11.21 24.72 9.77
N ASN A 138 12.08 24.18 8.93
CA ASN A 138 12.22 24.62 7.55
C ASN A 138 11.46 23.75 6.56
N GLY A 139 10.71 22.78 7.07
CA GLY A 139 9.88 21.93 6.22
C GLY A 139 10.59 20.74 5.61
N ASN A 140 11.81 20.45 6.06
CA ASN A 140 12.58 19.32 5.54
C ASN A 140 12.32 18.04 6.31
N ALA A 141 12.32 16.91 5.61
CA ALA A 141 12.10 15.60 6.25
C ALA A 141 13.20 15.26 7.26
N ILE A 142 12.80 14.78 8.43
CA ILE A 142 13.71 14.31 9.47
C ILE A 142 13.18 13.02 10.10
N ARG A 143 14.07 12.10 10.45
CA ARG A 143 13.66 10.81 11.03
C ARG A 143 13.65 10.93 12.55
N VAL A 144 12.55 10.52 13.19
CA VAL A 144 12.33 10.70 14.63
C VAL A 144 11.78 9.42 15.22
N ASP A 145 12.28 9.03 16.40
CA ASP A 145 11.79 7.82 17.06
C ASP A 145 10.28 7.84 17.31
N THR A 146 9.64 6.69 17.13
CA THR A 146 8.20 6.57 17.29
C THR A 146 7.76 6.69 18.75
N THR A 147 6.56 7.22 18.94
CA THR A 147 5.95 7.39 20.26
C THR A 147 5.27 6.11 20.71
N THR A 148 5.39 5.74 21.98
CA THR A 148 4.69 4.58 22.50
C THR A 148 3.18 4.75 22.33
N PRO A 149 2.50 3.76 21.74
CA PRO A 149 1.09 3.91 21.48
C PRO A 149 0.19 3.55 22.66
N ARG A 150 -1.07 3.97 22.54
CA ARG A 150 -2.17 3.58 23.39
C ARG A 150 -2.90 2.41 22.72
N ALA A 151 -3.25 1.38 23.47
CA ALA A 151 -4.02 0.27 22.93
C ALA A 151 -5.47 0.74 22.68
N LEU A 152 -6.01 0.46 21.50
CA LEU A 152 -7.41 0.79 21.24
C LEU A 152 -8.32 0.06 22.20
N GLU A 153 -9.34 0.75 22.69
CA GLU A 153 -10.39 0.10 23.46
C GLU A 153 -11.28 -0.67 22.50
N LEU A 154 -11.89 -1.75 23.00
CA LEU A 154 -12.80 -2.54 22.18
C LEU A 154 -13.85 -1.66 21.51
N ASP A 155 -14.39 -0.68 22.23
CA ASP A 155 -15.46 0.13 21.67
C ASP A 155 -14.98 1.17 20.66
N GLU A 156 -13.67 1.31 20.47
CA GLU A 156 -13.11 2.16 19.41
C GLU A 156 -12.96 1.44 18.07
N ILE A 157 -13.08 0.12 18.05
CA ILE A 157 -12.82 -0.65 16.82
CA ILE A 157 -12.80 -0.63 16.82
C ILE A 157 -13.83 -0.32 15.72
N PRO A 158 -15.13 -0.27 16.04
CA PRO A 158 -16.08 0.12 14.97
C PRO A 158 -15.76 1.45 14.30
N GLY A 159 -15.26 2.41 15.06
CA GLY A 159 -14.86 3.69 14.49
C GLY A 159 -13.73 3.56 13.48
N ILE A 160 -12.77 2.70 13.76
CA ILE A 160 -11.66 2.45 12.82
C ILE A 160 -12.20 1.85 11.51
N VAL A 161 -13.11 0.89 11.64
CA VAL A 161 -13.73 0.29 10.47
C VAL A 161 -14.49 1.34 9.66
N ASN A 162 -15.25 2.18 10.36
CA ASN A 162 -15.96 3.26 9.70
C ASN A 162 -15.03 4.26 9.00
N ASP A 163 -13.87 4.54 9.59
CA ASP A 163 -12.92 5.45 8.97
C ASP A 163 -12.44 4.88 7.63
N PHE A 164 -12.12 3.59 7.57
CA PHE A 164 -11.77 2.96 6.29
C PHE A 164 -12.93 3.05 5.29
N ARG A 165 -14.14 2.74 5.75
CA ARG A 165 -15.34 2.79 4.91
C ARG A 165 -15.54 4.20 4.32
N GLN A 166 -15.45 5.19 5.20
CA GLN A 166 -15.61 6.59 4.81
C GLN A 166 -14.55 7.05 3.82
N ALA A 167 -13.31 6.65 4.08
CA ALA A 167 -12.22 6.98 3.16
C ALA A 167 -12.44 6.35 1.77
N VAL A 168 -13.04 5.16 1.72
CA VAL A 168 -13.37 4.53 0.44
C VAL A 168 -14.51 5.27 -0.27
N ALA A 169 -15.52 5.73 0.47
CA ALA A 169 -16.54 6.61 -0.14
C ALA A 169 -15.86 7.82 -0.75
N ASN A 170 -14.95 8.42 0.01
CA ASN A 170 -14.24 9.60 -0.46
C ASN A 170 -13.36 9.30 -1.69
N ALA A 171 -12.72 8.14 -1.69
CA ALA A 171 -11.86 7.72 -2.79
C ALA A 171 -12.62 7.52 -4.10
N ARG A 172 -13.77 6.87 -3.99
CA ARG A 172 -14.66 6.70 -5.14
C ARG A 172 -15.08 8.06 -5.69
N GLU A 173 -15.49 8.97 -4.80
CA GLU A 173 -15.83 10.34 -5.20
C GLU A 173 -14.63 11.04 -5.86
N ALA A 174 -13.43 10.83 -5.33
CA ALA A 174 -12.23 11.49 -5.82
C ALA A 174 -11.76 10.98 -7.17
N GLY A 175 -12.39 9.93 -7.69
CA GLY A 175 -12.12 9.45 -9.03
C GLY A 175 -11.08 8.35 -9.13
N PHE A 176 -10.68 7.77 -8.01
CA PHE A 176 -9.80 6.61 -8.08
C PHE A 176 -10.52 5.42 -8.72
N ASP A 177 -9.77 4.61 -9.44
CA ASP A 177 -10.31 3.42 -10.09
C ASP A 177 -10.46 2.22 -9.15
N LEU A 178 -9.57 2.14 -8.15
CA LEU A 178 -9.53 1.05 -7.18
C LEU A 178 -9.02 1.63 -5.88
N VAL A 179 -9.19 0.85 -4.79
CA VAL A 179 -8.52 1.16 -3.53
CA VAL A 179 -8.60 1.13 -3.49
C VAL A 179 -7.67 -0.03 -3.11
N GLU A 180 -6.50 0.26 -2.55
CA GLU A 180 -5.65 -0.76 -1.97
C GLU A 180 -5.56 -0.55 -0.47
N LEU A 181 -5.98 -1.53 0.32
CA LEU A 181 -5.85 -1.45 1.77
C LEU A 181 -4.42 -1.77 2.19
N HIS A 182 -3.82 -0.90 2.98
CA HIS A 182 -2.44 -1.13 3.42
C HIS A 182 -2.43 -2.02 4.65
N SER A 183 -2.34 -3.32 4.41
CA SER A 183 -2.33 -4.32 5.49
C SER A 183 -0.95 -4.92 5.67
N ALA A 184 0.09 -4.13 5.36
CA ALA A 184 1.46 -4.58 5.33
C ALA A 184 2.36 -3.69 6.17
N HIS A 185 3.64 -4.09 6.22
CA HIS A 185 4.77 -3.21 6.60
C HIS A 185 4.70 -2.64 8.01
N GLY A 186 4.00 -3.33 8.90
CA GLY A 186 3.96 -2.90 10.27
C GLY A 186 3.02 -1.75 10.60
N TYR A 187 2.12 -1.38 9.68
CA TYR A 187 1.13 -0.31 9.96
C TYR A 187 -0.09 -0.91 10.69
N LEU A 188 -1.17 -0.16 10.87
CA LEU A 188 -2.16 -0.58 11.87
C LEU A 188 -2.76 -1.97 11.63
N LEU A 189 -3.18 -2.24 10.40
CA LEU A 189 -3.78 -3.54 10.10
C LEU A 189 -2.82 -4.69 10.37
N HIS A 190 -1.55 -4.52 9.98
CA HIS A 190 -0.51 -5.51 10.24
C HIS A 190 -0.19 -5.61 11.74
N GLN A 191 -0.29 -4.49 12.45
CA GLN A 191 -0.10 -4.51 13.90
C GLN A 191 -1.10 -5.43 14.60
N PHE A 192 -2.33 -5.49 14.11
CA PHE A 192 -3.32 -6.46 14.59
C PHE A 192 -3.04 -7.88 14.11
N LEU A 193 -2.62 -8.04 12.85
CA LEU A 193 -2.35 -9.38 12.31
C LEU A 193 -1.22 -10.11 13.02
N SER A 194 -0.18 -9.40 13.41
CA SER A 194 1.04 -10.01 13.94
C SER A 194 0.98 -10.26 15.44
N PRO A 195 1.31 -11.50 15.89
CA PRO A 195 1.41 -11.72 17.33
C PRO A 195 2.51 -10.91 18.01
N SER A 196 3.50 -10.43 17.27
CA SER A 196 4.60 -9.66 17.87
CA SER A 196 4.56 -9.69 17.92
C SER A 196 4.17 -8.28 18.36
N SER A 197 3.16 -7.71 17.70
CA SER A 197 2.62 -6.39 18.02
C SER A 197 1.23 -6.41 18.66
N ASN A 198 0.59 -7.58 18.66
CA ASN A 198 -0.75 -7.74 19.16
C ASN A 198 -0.73 -8.71 20.35
N GLN A 199 -0.86 -8.16 21.55
CA GLN A 199 -0.90 -8.95 22.79
C GLN A 199 -2.30 -8.86 23.42
N ARG A 200 -3.29 -8.47 22.63
CA ARG A 200 -4.67 -8.35 23.12
C ARG A 200 -5.23 -9.70 23.53
N THR A 201 -6.15 -9.68 24.49
CA THR A 201 -6.79 -10.88 24.99
C THR A 201 -8.31 -10.79 24.82
N ASP A 202 -8.78 -9.91 23.93
CA ASP A 202 -10.19 -9.83 23.55
C ASP A 202 -10.38 -10.45 22.16
N GLN A 203 -11.51 -10.21 21.51
CA GLN A 203 -11.83 -10.82 20.23
C GLN A 203 -10.95 -10.32 19.08
N TYR A 204 -10.07 -9.35 19.34
CA TYR A 204 -9.14 -8.85 18.30
C TYR A 204 -7.69 -9.26 18.53
N GLY A 205 -7.42 -10.20 19.44
CA GLY A 205 -6.10 -10.79 19.60
C GLY A 205 -6.15 -12.25 19.98
N GLY A 206 -5.00 -12.89 19.99
CA GLY A 206 -4.89 -14.31 20.36
C GLY A 206 -4.83 -15.18 19.13
N SER A 207 -5.94 -15.83 18.82
CA SER A 207 -6.02 -16.73 17.67
C SER A 207 -5.82 -15.96 16.37
N VAL A 208 -5.43 -16.66 15.30
CA VAL A 208 -5.31 -16.00 14.01
C VAL A 208 -6.66 -15.45 13.56
N GLU A 209 -7.76 -16.13 13.85
CA GLU A 209 -9.08 -15.62 13.51
CA GLU A 209 -9.08 -15.60 13.50
C GLU A 209 -9.29 -14.25 14.16
N ASN A 210 -8.92 -14.13 15.42
CA ASN A 210 -9.06 -12.87 16.13
C ASN A 210 -8.10 -11.80 15.61
N ARG A 211 -6.87 -12.18 15.31
CA ARG A 211 -5.87 -11.24 14.80
C ARG A 211 -6.23 -10.70 13.41
N ALA A 212 -6.89 -11.53 12.59
CA ALA A 212 -7.35 -11.09 11.26
C ALA A 212 -8.72 -10.45 11.29
N ARG A 213 -9.38 -10.43 12.45
CA ARG A 213 -10.75 -9.96 12.53
C ARG A 213 -10.90 -8.52 12.03
N LEU A 214 -10.03 -7.62 12.49
CA LEU A 214 -10.10 -6.22 12.08
C LEU A 214 -9.96 -6.07 10.57
N VAL A 215 -8.91 -6.67 9.99
CA VAL A 215 -8.72 -6.46 8.56
CA VAL A 215 -8.69 -6.54 8.55
C VAL A 215 -9.89 -7.05 7.76
N LEU A 216 -10.46 -8.17 8.18
CA LEU A 216 -11.61 -8.72 7.48
C LEU A 216 -12.88 -7.88 7.66
N GLU A 217 -13.08 -7.28 8.84
CA GLU A 217 -14.18 -6.32 9.02
C GLU A 217 -14.00 -5.12 8.08
N VAL A 218 -12.77 -4.64 7.94
CA VAL A 218 -12.48 -3.54 7.03
C VAL A 218 -12.77 -3.93 5.58
N VAL A 219 -12.30 -5.11 5.17
CA VAL A 219 -12.57 -5.60 3.82
C VAL A 219 -14.08 -5.65 3.58
N ASP A 220 -14.83 -6.24 4.50
CA ASP A 220 -16.28 -6.35 4.31
C ASP A 220 -16.94 -4.96 4.23
N ALA A 221 -16.51 -4.04 5.07
CA ALA A 221 -17.09 -2.70 5.09
C ALA A 221 -16.83 -1.98 3.77
N VAL A 222 -15.62 -2.09 3.22
CA VAL A 222 -15.28 -1.36 2.00
C VAL A 222 -15.89 -2.02 0.75
N CYS A 223 -16.03 -3.35 0.75
CA CYS A 223 -16.75 -4.02 -0.33
C CYS A 223 -18.21 -3.60 -0.36
N ASN A 224 -18.82 -3.45 0.83
CA ASN A 224 -20.19 -3.00 0.92
C ASN A 224 -20.36 -1.54 0.50
N GLU A 225 -19.40 -0.70 0.84
CA GLU A 225 -19.45 0.71 0.46
C GLU A 225 -19.39 0.89 -1.05
N TRP A 226 -18.46 0.18 -1.69
CA TRP A 226 -18.27 0.27 -3.12
C TRP A 226 -18.66 -1.07 -3.75
N SER A 227 -17.69 -1.87 -4.14
CA SER A 227 -17.92 -3.18 -4.73
C SER A 227 -16.64 -3.98 -4.52
N ALA A 228 -16.75 -5.30 -4.37
CA ALA A 228 -15.56 -6.12 -4.16
C ALA A 228 -14.54 -6.01 -5.28
N ASP A 229 -15.02 -5.84 -6.51
CA ASP A 229 -14.17 -5.70 -7.68
C ASP A 229 -13.45 -4.34 -7.78
N ARG A 230 -13.59 -3.51 -6.75
CA ARG A 230 -12.84 -2.25 -6.64
C ARG A 230 -11.80 -2.28 -5.54
N ILE A 231 -11.69 -3.40 -4.81
CA ILE A 231 -10.87 -3.48 -3.61
C ILE A 231 -9.68 -4.42 -3.80
N GLY A 232 -8.48 -3.90 -3.53
CA GLY A 232 -7.27 -4.70 -3.39
C GLY A 232 -6.74 -4.58 -1.97
N ILE A 233 -5.81 -5.47 -1.65
CA ILE A 233 -5.15 -5.45 -0.35
C ILE A 233 -3.69 -5.77 -0.49
N ARG A 234 -2.85 -5.00 0.21
CA ARG A 234 -1.42 -5.30 0.27
C ARG A 234 -1.10 -5.94 1.60
N VAL A 235 -0.41 -7.07 1.54
CA VAL A 235 0.05 -7.81 2.71
C VAL A 235 1.55 -8.04 2.59
N SER A 236 2.19 -8.22 3.73
CA SER A 236 3.60 -8.61 3.80
C SER A 236 3.70 -9.69 4.88
N PRO A 237 3.14 -10.87 4.57
CA PRO A 237 2.82 -11.85 5.60
C PRO A 237 3.91 -12.88 5.91
N ILE A 238 5.04 -12.81 5.18
CA ILE A 238 6.17 -13.70 5.39
C ILE A 238 7.38 -12.83 5.65
N GLY A 239 8.08 -13.06 6.76
CA GLY A 239 9.27 -12.27 7.09
C GLY A 239 9.01 -11.17 8.09
N THR A 240 9.97 -10.26 8.21
CA THR A 240 9.90 -9.15 9.16
C THR A 240 9.97 -7.82 8.42
N PHE A 241 9.11 -6.89 8.83
CA PHE A 241 9.00 -5.56 8.20
C PHE A 241 8.87 -4.53 9.30
N GLN A 242 9.81 -3.58 9.35
CA GLN A 242 9.83 -2.53 10.37
C GLN A 242 9.59 -3.07 11.78
N ASN A 243 10.35 -4.12 12.10
CA ASN A 243 10.32 -4.82 13.41
C ASN A 243 9.06 -5.64 13.70
N VAL A 244 8.15 -5.71 12.74
CA VAL A 244 6.94 -6.53 12.88
C VAL A 244 7.19 -7.81 12.10
N ASP A 245 7.39 -8.91 12.84
CA ASP A 245 7.46 -10.23 12.22
C ASP A 245 6.02 -10.74 12.05
N ASN A 246 5.89 -11.94 11.53
CA ASN A 246 4.59 -12.52 11.29
C ASN A 246 4.29 -13.72 12.18
N GLY A 247 5.06 -13.84 13.25
CA GLY A 247 4.79 -14.82 14.29
C GLY A 247 5.29 -16.18 13.93
N PRO A 248 5.04 -17.15 14.82
CA PRO A 248 5.67 -18.46 14.72
C PRO A 248 4.98 -19.46 13.77
N ASN A 249 3.86 -19.05 13.17
CA ASN A 249 3.11 -19.85 12.24
C ASN A 249 2.78 -19.01 11.00
N GLU A 250 3.77 -18.30 10.47
CA GLU A 250 3.47 -17.26 9.47
C GLU A 250 2.82 -17.81 8.20
N GLU A 251 3.25 -18.97 7.72
CA GLU A 251 2.69 -19.52 6.48
CA GLU A 251 2.68 -19.48 6.47
C GLU A 251 1.23 -19.92 6.66
N ALA A 252 0.96 -20.72 7.69
CA ALA A 252 -0.41 -21.16 7.95
C ALA A 252 -1.34 -19.95 8.19
N ASP A 253 -0.86 -18.97 8.95
CA ASP A 253 -1.67 -17.79 9.22
C ASP A 253 -1.94 -16.98 7.95
N ALA A 254 -0.94 -16.88 7.08
CA ALA A 254 -1.11 -16.20 5.80
C ALA A 254 -2.16 -16.89 4.93
N LEU A 255 -2.11 -18.22 4.87
CA LEU A 255 -3.06 -18.97 4.07
C LEU A 255 -4.48 -18.88 4.61
N TYR A 256 -4.64 -18.81 5.93
CA TYR A 256 -5.95 -18.54 6.53
C TYR A 256 -6.50 -17.22 6.03
N LEU A 257 -5.70 -16.16 6.15
CA LEU A 257 -6.14 -14.83 5.73
C LEU A 257 -6.50 -14.82 4.24
N ILE A 258 -5.67 -15.46 3.42
CA ILE A 258 -5.88 -15.44 1.98
C ILE A 258 -7.16 -16.22 1.59
N GLU A 259 -7.41 -17.35 2.24
CA GLU A 259 -8.66 -18.07 2.02
C GLU A 259 -9.87 -17.22 2.41
N GLU A 260 -9.76 -16.48 3.50
CA GLU A 260 -10.84 -15.58 3.91
C GLU A 260 -11.05 -14.47 2.89
N LEU A 261 -9.96 -13.87 2.41
CA LEU A 261 -10.06 -12.78 1.43
C LEU A 261 -10.72 -13.30 0.15
N ALA A 262 -10.38 -14.51 -0.26
CA ALA A 262 -10.93 -15.11 -1.48
C ALA A 262 -12.46 -15.19 -1.44
N LYS A 263 -13.01 -15.43 -0.24
CA LYS A 263 -14.45 -15.53 -0.09
C LYS A 263 -15.16 -14.23 -0.46
N ARG A 264 -14.47 -13.09 -0.32
CA ARG A 264 -15.06 -11.81 -0.65
C ARG A 264 -14.99 -11.45 -2.12
N GLY A 265 -14.23 -12.20 -2.91
CA GLY A 265 -14.16 -11.93 -4.34
C GLY A 265 -13.53 -10.59 -4.68
N ILE A 266 -12.54 -10.17 -3.90
CA ILE A 266 -11.87 -8.89 -4.11
C ILE A 266 -11.02 -8.88 -5.38
N ALA A 267 -10.71 -7.68 -5.85
CA ALA A 267 -9.99 -7.50 -7.10
C ALA A 267 -8.59 -8.10 -7.10
N TYR A 268 -7.82 -7.87 -6.04
CA TYR A 268 -6.43 -8.31 -6.05
C TYR A 268 -5.82 -8.48 -4.68
N LEU A 269 -4.77 -9.29 -4.66
CA LEU A 269 -3.90 -9.55 -3.53
C LEU A 269 -2.50 -9.12 -3.95
N HIS A 270 -1.94 -8.14 -3.23
CA HIS A 270 -0.64 -7.59 -3.54
C HIS A 270 0.31 -8.02 -2.44
N MET A 271 1.30 -8.84 -2.80
CA MET A 271 2.23 -9.39 -1.82
CA MET A 271 2.24 -9.42 -1.85
C MET A 271 3.56 -8.66 -1.89
N SER A 272 3.87 -7.95 -0.81
CA SER A 272 5.17 -7.34 -0.63
C SER A 272 6.09 -8.36 0.00
N GLU A 273 7.07 -8.84 -0.77
CA GLU A 273 7.81 -10.04 -0.43
C GLU A 273 9.01 -9.80 0.46
N THR A 274 9.53 -8.57 0.47
CA THR A 274 10.72 -8.21 1.23
C THR A 274 10.78 -6.70 1.37
N ASP A 275 11.45 -6.21 2.41
CA ASP A 275 11.79 -4.79 2.48
C ASP A 275 13.09 -4.55 1.71
N LEU A 276 13.64 -3.33 1.78
CA LEU A 276 14.80 -3.00 0.94
C LEU A 276 16.07 -3.77 1.33
N ALA A 277 16.12 -4.29 2.55
CA ALA A 277 17.30 -5.01 3.02
C ALA A 277 17.31 -6.46 2.54
N GLY A 278 16.19 -6.92 1.98
CA GLY A 278 16.10 -8.25 1.41
C GLY A 278 15.88 -9.32 2.44
N GLY A 279 15.68 -10.53 1.96
CA GLY A 279 15.50 -11.69 2.81
C GLY A 279 15.23 -12.93 1.99
N LYS A 280 14.93 -14.03 2.67
CA LYS A 280 14.71 -15.30 2.01
C LYS A 280 13.58 -15.19 0.98
N PRO A 281 13.79 -15.75 -0.21
CA PRO A 281 12.71 -15.73 -1.20
C PRO A 281 11.51 -16.58 -0.78
N TYR A 282 10.34 -16.23 -1.29
CA TYR A 282 9.17 -17.09 -1.18
C TYR A 282 9.50 -18.44 -1.82
N SER A 283 9.10 -19.53 -1.17
CA SER A 283 9.24 -20.84 -1.79
C SER A 283 8.19 -20.99 -2.90
N GLU A 284 8.52 -21.78 -3.92
CA GLU A 284 7.52 -22.02 -4.96
CA GLU A 284 7.57 -22.15 -4.98
C GLU A 284 6.32 -22.79 -4.36
N ALA A 285 6.54 -23.66 -3.38
CA ALA A 285 5.44 -24.34 -2.72
C ALA A 285 4.47 -23.34 -2.07
N PHE A 286 5.00 -22.34 -1.38
CA PHE A 286 4.15 -21.30 -0.80
C PHE A 286 3.38 -20.54 -1.88
N ARG A 287 4.05 -20.17 -2.96
CA ARG A 287 3.37 -19.46 -4.04
C ARG A 287 2.22 -20.32 -4.60
N GLN A 288 2.44 -21.62 -4.73
CA GLN A 288 1.41 -22.54 -5.22
CA GLN A 288 1.40 -22.51 -5.23
C GLN A 288 0.22 -22.59 -4.26
N LYS A 289 0.51 -22.64 -2.96
CA LYS A 289 -0.55 -22.69 -1.96
CA LYS A 289 -0.56 -22.69 -1.96
C LYS A 289 -1.39 -21.40 -2.00
N VAL A 290 -0.75 -20.26 -2.21
CA VAL A 290 -1.47 -18.99 -2.34
C VAL A 290 -2.34 -19.02 -3.60
N ARG A 291 -1.74 -19.44 -4.71
CA ARG A 291 -2.42 -19.40 -6.00
C ARG A 291 -3.67 -20.27 -6.05
N GLU A 292 -3.64 -21.44 -5.41
CA GLU A 292 -4.81 -22.34 -5.41
CA GLU A 292 -4.82 -22.31 -5.47
C GLU A 292 -5.93 -21.83 -4.52
N ARG A 293 -5.61 -20.92 -3.61
CA ARG A 293 -6.60 -20.39 -2.66
C ARG A 293 -7.21 -19.05 -3.04
N PHE A 294 -6.61 -18.31 -3.97
CA PHE A 294 -7.08 -16.96 -4.30
C PHE A 294 -7.36 -16.91 -5.78
N HIS A 295 -8.51 -16.34 -6.15
CA HIS A 295 -9.03 -16.36 -7.50
CA HIS A 295 -8.88 -16.32 -7.58
C HIS A 295 -9.16 -14.95 -8.12
N GLY A 296 -8.50 -13.97 -7.51
CA GLY A 296 -8.31 -12.67 -8.13
C GLY A 296 -6.87 -12.52 -8.61
N VAL A 297 -6.53 -11.30 -8.99
CA VAL A 297 -5.18 -10.99 -9.46
C VAL A 297 -4.21 -11.06 -8.31
N ILE A 298 -3.03 -11.63 -8.56
CA ILE A 298 -1.92 -11.60 -7.62
C ILE A 298 -0.81 -10.73 -8.19
N ILE A 299 -0.40 -9.74 -7.40
CA ILE A 299 0.68 -8.82 -7.73
C ILE A 299 1.86 -9.14 -6.81
N GLY A 300 3.03 -9.38 -7.39
CA GLY A 300 4.25 -9.57 -6.61
C GLY A 300 5.09 -8.30 -6.61
N ALA A 301 5.80 -8.08 -5.51
CA ALA A 301 6.66 -6.90 -5.36
C ALA A 301 7.81 -7.20 -4.44
N GLY A 302 8.91 -6.46 -4.64
CA GLY A 302 10.04 -6.49 -3.75
C GLY A 302 11.31 -6.90 -4.48
N ALA A 303 12.06 -5.89 -4.93
CA ALA A 303 13.30 -6.13 -5.66
C ALA A 303 13.13 -7.04 -6.86
N TYR A 304 11.99 -6.94 -7.55
CA TYR A 304 11.78 -7.69 -8.77
C TYR A 304 12.66 -7.19 -9.91
N THR A 305 12.86 -8.07 -10.86
CA THR A 305 13.32 -7.72 -12.20
C THR A 305 12.20 -8.09 -13.17
N ALA A 306 12.23 -7.51 -14.37
CA ALA A 306 11.32 -7.92 -15.43
C ALA A 306 11.42 -9.43 -15.69
N GLU A 307 12.64 -9.95 -15.68
CA GLU A 307 12.85 -11.38 -15.93
C GLU A 307 12.19 -12.26 -14.86
N LYS A 308 12.31 -11.89 -13.59
CA LYS A 308 11.66 -12.65 -12.52
C LYS A 308 10.15 -12.58 -12.68
N ALA A 309 9.62 -11.41 -13.02
CA ALA A 309 8.18 -11.26 -13.23
C ALA A 309 7.71 -12.16 -14.36
N GLU A 310 8.42 -12.13 -15.49
CA GLU A 310 8.07 -13.01 -16.60
C GLU A 310 8.10 -14.48 -16.21
N ASP A 311 9.11 -14.87 -15.46
CA ASP A 311 9.24 -16.25 -15.02
C ASP A 311 8.03 -16.68 -14.19
N LEU A 312 7.66 -15.87 -13.20
CA LEU A 312 6.55 -16.20 -12.32
C LEU A 312 5.18 -16.10 -12.99
N ILE A 313 5.02 -15.14 -13.89
CA ILE A 313 3.80 -15.05 -14.71
C ILE A 313 3.70 -16.29 -15.62
N GLY A 314 4.81 -16.70 -16.22
CA GLY A 314 4.84 -17.88 -17.07
C GLY A 314 4.53 -19.17 -16.33
N LYS A 315 4.94 -19.24 -15.07
CA LYS A 315 4.65 -20.37 -14.20
C LYS A 315 3.21 -20.36 -13.67
N GLY A 316 2.46 -19.30 -13.96
CA GLY A 316 1.06 -19.20 -13.55
C GLY A 316 0.90 -18.92 -12.09
N LEU A 317 1.90 -18.30 -11.47
CA LEU A 317 1.90 -18.08 -10.02
C LEU A 317 1.51 -16.66 -9.62
N ILE A 318 1.84 -15.67 -10.46
CA ILE A 318 1.41 -14.29 -10.24
C ILE A 318 0.88 -13.76 -11.58
N ASP A 319 0.21 -12.61 -11.52
CA ASP A 319 -0.36 -11.98 -12.71
C ASP A 319 0.33 -10.69 -13.11
N ALA A 320 0.93 -9.99 -12.14
CA ALA A 320 1.51 -8.69 -12.39
C ALA A 320 2.61 -8.44 -11.40
N VAL A 321 3.45 -7.45 -11.69
CA VAL A 321 4.54 -7.05 -10.83
C VAL A 321 4.40 -5.56 -10.53
N ALA A 322 4.63 -5.17 -9.28
CA ALA A 322 4.75 -3.77 -8.93
C ALA A 322 6.21 -3.43 -8.69
N PHE A 323 6.68 -2.39 -9.37
CA PHE A 323 8.02 -1.83 -9.19
C PHE A 323 7.93 -0.53 -8.43
N GLY A 324 8.80 -0.40 -7.43
CA GLY A 324 8.87 0.79 -6.60
C GLY A 324 9.95 1.75 -7.08
N ARG A 325 11.20 1.49 -6.71
CA ARG A 325 12.27 2.42 -7.03
C ARG A 325 12.49 2.63 -8.51
N ASP A 326 12.31 1.60 -9.34
CA ASP A 326 12.46 1.81 -10.77
C ASP A 326 11.36 2.75 -11.28
N TYR A 327 10.18 2.78 -10.64
CA TYR A 327 9.14 3.75 -11.02
C TYR A 327 9.42 5.16 -10.52
N ILE A 328 10.06 5.31 -9.35
CA ILE A 328 10.51 6.64 -8.93
C ILE A 328 11.33 7.26 -10.08
N ALA A 329 12.28 6.48 -10.61
CA ALA A 329 13.29 7.02 -11.52
C ALA A 329 12.93 6.95 -13.00
N ASN A 330 11.89 6.23 -13.38
CA ASN A 330 11.60 5.99 -14.81
C ASN A 330 10.12 6.18 -15.06
N PRO A 331 9.71 7.38 -15.51
CA PRO A 331 8.28 7.61 -15.69
C PRO A 331 7.69 6.69 -16.76
N ASP A 332 8.51 6.41 -17.78
CA ASP A 332 8.20 5.52 -18.88
C ASP A 332 8.82 4.13 -18.68
N LEU A 333 8.74 3.60 -17.46
CA LEU A 333 9.29 2.29 -17.20
C LEU A 333 8.73 1.23 -18.16
N VAL A 334 7.44 1.31 -18.49
CA VAL A 334 6.87 0.33 -19.40
C VAL A 334 7.65 0.31 -20.73
N ALA A 335 7.82 1.46 -21.35
CA ALA A 335 8.54 1.54 -22.63
C ALA A 335 9.97 1.05 -22.50
N ARG A 336 10.64 1.42 -21.41
CA ARG A 336 12.00 1.00 -21.20
C ARG A 336 12.12 -0.51 -21.08
N LEU A 337 11.23 -1.14 -20.31
CA LEU A 337 11.26 -2.60 -20.20
C LEU A 337 10.88 -3.29 -21.52
N GLN A 338 9.96 -2.69 -22.26
CA GLN A 338 9.56 -3.25 -23.55
C GLN A 338 10.74 -3.22 -24.54
N LYS A 339 11.45 -2.09 -24.54
CA LYS A 339 12.56 -1.87 -25.48
C LYS A 339 13.91 -2.40 -25.00
N LYS A 340 13.97 -2.87 -23.75
CA LYS A 340 15.24 -3.28 -23.11
C LYS A 340 16.23 -2.12 -23.05
N ALA A 341 15.72 -0.94 -22.75
CA ALA A 341 16.54 0.25 -22.58
C ALA A 341 17.13 0.32 -21.18
N GLU A 342 18.21 1.08 -21.01
CA GLU A 342 18.74 1.34 -19.68
C GLU A 342 17.75 2.14 -18.83
N LEU A 343 17.91 2.02 -17.53
CA LEU A 343 17.07 2.70 -16.55
C LEU A 343 17.80 3.90 -15.97
N ASN A 344 17.09 4.99 -15.77
CA ASN A 344 17.69 6.19 -15.22
C ASN A 344 18.34 5.93 -13.86
N PRO A 345 19.44 6.64 -13.58
CA PRO A 345 20.08 6.50 -12.28
C PRO A 345 19.19 7.05 -11.15
N GLN A 346 18.97 6.24 -10.11
CA GLN A 346 18.18 6.68 -8.96
C GLN A 346 18.94 7.65 -8.07
N ARG A 347 18.21 8.58 -7.46
CA ARG A 347 18.74 9.58 -6.53
C ARG A 347 18.03 9.44 -5.18
N PRO A 348 18.48 8.50 -4.32
CA PRO A 348 17.75 8.22 -3.07
C PRO A 348 17.61 9.39 -2.11
N GLU A 349 18.51 10.37 -2.15
CA GLU A 349 18.44 11.51 -1.25
CA GLU A 349 18.43 11.49 -1.22
C GLU A 349 17.14 12.29 -1.39
N SER A 350 16.50 12.21 -2.57
CA SER A 350 15.25 12.93 -2.82
C SER A 350 14.02 12.01 -2.88
N PHE A 351 14.13 10.79 -2.36
CA PHE A 351 12.94 9.96 -2.25
C PHE A 351 11.89 10.61 -1.33
N TYR A 352 12.32 11.09 -0.16
CA TYR A 352 11.39 11.63 0.86
C TYR A 352 11.55 13.13 1.02
N GLY A 353 10.44 13.86 0.86
CA GLY A 353 10.39 15.28 1.11
C GLY A 353 10.93 16.11 -0.04
N GLY A 354 10.96 17.42 0.14
CA GLY A 354 11.45 18.30 -0.90
C GLY A 354 10.41 18.75 -1.90
N GLY A 355 10.84 18.89 -3.15
CA GLY A 355 10.02 19.45 -4.21
C GLY A 355 10.21 18.71 -5.52
N ALA A 356 10.23 19.45 -6.62
CA ALA A 356 10.28 18.85 -7.94
C ALA A 356 11.56 18.06 -8.18
N GLU A 357 12.69 18.51 -7.62
CA GLU A 357 13.95 17.85 -7.86
C GLU A 357 13.93 16.44 -7.27
N GLY A 358 14.28 15.45 -8.10
CA GLY A 358 14.19 14.05 -7.70
C GLY A 358 12.78 13.50 -7.65
N TYR A 359 11.83 14.21 -8.27
CA TYR A 359 10.43 13.85 -8.23
C TYR A 359 9.83 13.86 -9.65
N THR A 360 9.78 15.03 -10.27
CA THR A 360 9.25 15.20 -11.63
C THR A 360 10.32 15.43 -12.70
N ASP A 361 11.60 15.33 -12.35
CA ASP A 361 12.70 15.67 -13.25
C ASP A 361 13.46 14.45 -13.75
N TYR A 362 12.94 13.24 -13.56
CA TYR A 362 13.53 12.08 -14.20
C TYR A 362 12.96 11.98 -15.62
N PRO A 363 13.83 11.92 -16.63
CA PRO A 363 13.37 11.99 -18.02
C PRO A 363 12.81 10.68 -18.57
N SER A 364 11.94 10.81 -19.56
CA SER A 364 11.59 9.67 -20.40
CA SER A 364 11.58 9.70 -20.42
C SER A 364 12.72 9.40 -21.39
N LEU A 365 12.62 8.27 -22.08
CA LEU A 365 13.48 8.01 -23.24
C LEU A 365 13.30 9.09 -24.30
N1 FMN B . 5.08 0.43 0.35
C2 FMN B . 3.78 0.66 0.62
O2 FMN B . 3.00 -0.31 0.75
N3 FMN B . 3.29 1.94 0.74
C4 FMN B . 4.08 3.03 0.62
O4 FMN B . 3.56 4.20 0.69
C4A FMN B . 5.46 2.81 0.37
N5 FMN B . 6.30 3.86 0.27
C5A FMN B . 7.60 3.65 -0.12
C6 FMN B . 8.44 4.73 -0.31
C7 FMN B . 9.75 4.59 -0.78
C7M FMN B . 10.62 5.79 -1.00
C8 FMN B . 10.23 3.29 -1.03
C8M FMN B . 11.64 3.08 -1.54
C9 FMN B . 9.39 2.21 -0.84
C9A FMN B . 8.05 2.33 -0.38
N10 FMN B . 7.20 1.27 -0.17
C10 FMN B . 5.91 1.48 0.21
C1' FMN B . 7.60 -0.06 -0.63
C1' FMN B . 7.53 -0.05 -0.77
C2' FMN B . 7.49 -0.17 -2.16
C2' FMN B . 7.24 -0.07 -2.28
O2' FMN B . 6.12 -0.21 -2.59
O2' FMN B . 5.84 0.08 -2.53
C3' FMN B . 8.17 -1.44 -2.69
C3' FMN B . 7.66 -1.36 -2.99
O3' FMN B . 7.44 -2.57 -2.18
O3' FMN B . 7.10 -2.51 -2.34
C4' FMN B . 9.66 -1.53 -2.32
C4' FMN B . 9.17 -1.58 -3.07
O4' FMN B . 10.32 -0.31 -2.67
O4' FMN B . 9.79 -0.35 -3.46
C5' FMN B . 10.36 -2.74 -2.94
C5' FMN B . 9.45 -2.69 -4.08
O5' FMN B . 10.18 -2.76 -4.36
O5' FMN B . 10.84 -2.89 -4.29
P FMN B . 11.32 -2.22 -5.37
P FMN B . 11.56 -2.18 -5.53
O1P FMN B . 11.61 -0.78 -5.02
O1P FMN B . 11.64 -0.71 -5.17
O2P FMN B . 12.52 -3.11 -5.18
O2P FMN B . 12.90 -2.87 -5.55
O3P FMN B . 10.65 -2.37 -6.73
O3P FMN B . 10.70 -2.47 -6.74
C1 P7Y C . 8.86 0.29 2.51
N1 P7Y C . 9.36 -0.92 2.37
O1 P7Y C . 10.61 -1.09 1.84
C2 P7Y C . 7.58 0.51 3.03
O2 P7Y C . 8.70 -2.03 2.75
C1' P7Y C . 6.97 1.77 3.21
C2' P7Y C . 5.56 1.87 3.46
O2' P7Y C . 4.75 0.83 3.44
C3' P7Y C . 4.95 3.07 3.69
C4' P7Y C . 5.70 4.23 3.69
C5' P7Y C . 7.07 4.16 3.49
C6' P7Y C . 7.71 2.95 3.23
#